data_5Y87
#
_entry.id   5Y87
#
_cell.length_a   91.221
_cell.length_b   108.963
_cell.length_c   41.794
_cell.angle_alpha   90.00
_cell.angle_beta   90.00
_cell.angle_gamma   90.00
#
_symmetry.space_group_name_H-M   'P 21 21 2'
#
loop_
_entity.id
_entity.type
_entity.pdbx_description
1 polymer "RNA (5'-R(P*AP*CP*CP*CP*GP*CP*AP*AP*GP*GP*CP*CP*GP*AP*CP*GP*GP*C)-3')"
2 polymer 'DNA/RNA (50-MER)'
3 non-polymer 'MANGANESE (II) ION'
4 water water
#
loop_
_entity_poly.entity_id
_entity_poly.type
_entity_poly.pdbx_seq_one_letter_code
_entity_poly.pdbx_strand_id
1 'polyribonucleotide' ACCCGCAAGGCCGACGGC A,C
2 'polydeoxyribonucleotide/polyribonucleotide hybrid' GCCGCCGCUGGUGCAAGUCCAGCCACGCUUCGGCGUGGGCGCU(DC)AUGGGU B,D
#
loop_
_chem_comp.id
_chem_comp.type
_chem_comp.name
_chem_comp.formula
A RNA linking ADENOSINE-5'-MONOPHOSPHATE 'C10 H14 N5 O7 P'
C RNA linking CYTIDINE-5'-MONOPHOSPHATE 'C9 H14 N3 O8 P'
DC DNA linking 2'-DEOXYCYTIDINE-5'-MONOPHOSPHATE 'C9 H14 N3 O7 P'
G RNA linking GUANOSINE-5'-MONOPHOSPHATE 'C10 H14 N5 O8 P'
MN non-polymer 'MANGANESE (II) ION' 'Mn 2'
U RNA linking URIDINE-5'-MONOPHOSPHATE 'C9 H13 N2 O9 P'
#
# COMPACT_ATOMS: atom_id res chain seq x y z
MN MN E . -7.12 -0.01 -0.56
MN MN F . -6.50 16.60 -11.61
MN MN G . -17.66 -11.87 -5.73
MN MN H . -12.09 -12.39 -7.33
MN MN I . -7.43 -14.15 -9.76
MN MN J . -10.89 -15.58 1.63
MN MN K . -3.17 -6.72 6.74
MN MN L . -16.53 0.10 -0.52
MN MN M . -16.60 10.84 4.37
MN MN N . -6.15 5.51 3.03
MN MN O . -10.64 8.24 12.35
MN MN P . -4.41 8.95 -8.48
MN MN Q . 2.24 6.84 -0.60
MN MN R . 8.12 -2.67 1.82
MN MN S . 3.18 2.64 15.70
MN MN T . 10.89 -3.73 16.76
MN MN U . 16.09 -1.14 6.52
MN MN V . 23.10 2.40 -4.08
MN MN W . 19.20 0.74 -7.87
MN MN X . 17.00 -0.84 -12.63
MN MN Y . 15.13 9.37 -6.71
MN MN Z . 4.25 -3.15 6.95
#